data_6MIQ
#
_entry.id   6MIQ
#
_cell.length_a   113.149
_cell.length_b   113.149
_cell.length_c   26.170
_cell.angle_alpha   90.00
_cell.angle_beta   90.00
_cell.angle_gamma   120.00
#
_symmetry.space_group_name_H-M   'P 65'
#
loop_
_entity.id
_entity.type
_entity.pdbx_description
1 polymer 'Transcription initiation factor TFIID subunit 14'
2 polymer 'Histone H3K9bu'
3 water water
#
loop_
_entity_poly.entity_id
_entity_poly.type
_entity_poly.pdbx_seq_one_letter_code
_entity_poly.pdbx_strand_id
1 'polypeptide(L)'
;GPLGSMVATVKRTIRIKTQQHILPEVPPVENFPVRQWSIEIVLLDDEGKEIPATIFDKVIYHLHPTFANPNRTFTDPPFR
IEEQGWGGFPLDISVFLLEKAGERKIPHDLNFLQESYEVEHVIQIPLNKPLLTEELAKSGST
;
A
2 'polypeptide(L)' (ACE)QTAR(BTK)ST C
#
loop_
_chem_comp.id
_chem_comp.type
_chem_comp.name
_chem_comp.formula
ACE non-polymer 'ACETYL GROUP' 'C2 H4 O'
#
# COMPACT_ATOMS: atom_id res chain seq x y z
N PRO A 2 9.78 22.52 -0.32
CA PRO A 2 9.35 22.43 1.08
C PRO A 2 9.83 23.62 1.92
N LEU A 3 9.34 23.72 3.15
CA LEU A 3 9.74 24.75 4.09
C LEU A 3 10.26 24.12 5.38
N GLY A 4 11.25 24.76 5.98
CA GLY A 4 11.69 24.38 7.32
C GLY A 4 12.18 22.95 7.42
N SER A 5 11.69 22.24 8.45
CA SER A 5 12.12 20.88 8.68
C SER A 5 11.82 19.96 7.50
N MET A 6 10.84 20.31 6.67
CA MET A 6 10.49 19.47 5.54
C MET A 6 11.51 19.56 4.41
N VAL A 7 12.47 20.50 4.48
CA VAL A 7 13.52 20.51 3.47
C VAL A 7 14.40 19.27 3.59
N ALA A 8 14.60 18.75 4.81
CA ALA A 8 15.49 17.62 5.03
C ALA A 8 14.82 16.29 4.74
N THR A 9 14.17 16.17 3.59
CA THR A 9 13.47 14.95 3.21
C THR A 9 13.76 14.64 1.74
N VAL A 10 13.44 13.43 1.33
CA VAL A 10 13.49 13.03 -0.08
C VAL A 10 12.12 12.46 -0.44
N LYS A 11 11.76 12.56 -1.71
CA LYS A 11 10.51 11.97 -2.17
C LYS A 11 10.76 10.60 -2.76
N ARG A 12 9.86 9.66 -2.51
CA ARG A 12 9.89 8.36 -3.18
C ARG A 12 8.48 8.02 -3.65
N THR A 13 8.41 7.28 -4.74
CA THR A 13 7.14 6.84 -5.30
C THR A 13 6.92 5.37 -4.93
N ILE A 14 5.79 5.12 -4.29
N ILE A 14 5.81 5.08 -4.28
CA ILE A 14 5.30 3.79 -3.97
CA ILE A 14 5.47 3.69 -4.06
C ILE A 14 4.28 3.39 -5.03
C ILE A 14 4.25 3.34 -4.88
N ARG A 15 4.22 2.09 -5.33
CA ARG A 15 3.18 1.57 -6.22
C ARG A 15 2.37 0.55 -5.44
N ILE A 16 1.07 0.80 -5.33
CA ILE A 16 0.12 -0.11 -4.71
C ILE A 16 -0.49 -0.95 -5.84
N LYS A 17 -0.41 -2.27 -5.69
CA LYS A 17 -0.81 -3.22 -6.71
C LYS A 17 -1.99 -4.03 -6.18
N THR A 18 -3.12 -3.95 -6.87
CA THR A 18 -4.34 -4.57 -6.44
C THR A 18 -4.80 -5.56 -7.49
N GLN A 19 -5.30 -6.71 -7.02
CA GLN A 19 -5.89 -7.74 -7.89
C GLN A 19 -7.16 -8.27 -7.26
N GLN A 20 -8.11 -8.72 -8.10
CA GLN A 20 -9.37 -9.23 -7.56
C GLN A 20 -10.05 -10.12 -8.58
N HIS A 21 -10.78 -11.11 -8.07
CA HIS A 21 -11.59 -11.98 -8.93
C HIS A 21 -12.74 -12.57 -8.14
N ILE A 22 -13.84 -12.88 -8.83
CA ILE A 22 -15.00 -13.46 -8.16
C ILE A 22 -14.68 -14.87 -7.67
N LEU A 23 -15.18 -15.21 -6.47
CA LEU A 23 -15.17 -16.58 -5.96
C LEU A 23 -16.55 -17.21 -6.18
N PRO A 24 -16.77 -17.98 -7.25
CA PRO A 24 -18.11 -18.52 -7.49
C PRO A 24 -18.62 -19.42 -6.37
N GLU A 25 -17.73 -20.04 -5.61
CA GLU A 25 -18.19 -21.00 -4.62
C GLU A 25 -18.75 -20.33 -3.37
N VAL A 26 -18.60 -19.02 -3.25
CA VAL A 26 -19.12 -18.26 -2.11
C VAL A 26 -20.47 -17.68 -2.50
N PRO A 27 -21.53 -17.92 -1.73
CA PRO A 27 -22.83 -17.39 -2.10
C PRO A 27 -22.81 -15.88 -2.21
N PRO A 28 -23.33 -15.34 -3.31
CA PRO A 28 -23.47 -13.89 -3.41
C PRO A 28 -24.23 -13.33 -2.22
N VAL A 29 -23.85 -12.11 -1.82
CA VAL A 29 -24.49 -11.41 -0.72
C VAL A 29 -25.44 -10.39 -1.34
N GLU A 30 -26.74 -10.62 -1.16
CA GLU A 30 -27.77 -9.78 -1.77
C GLU A 30 -27.55 -9.68 -3.28
N ASN A 31 -27.23 -10.81 -3.90
CA ASN A 31 -26.98 -10.99 -5.33
C ASN A 31 -25.66 -10.38 -5.78
N PHE A 32 -24.86 -9.83 -4.87
CA PHE A 32 -23.54 -9.32 -5.22
C PHE A 32 -22.49 -10.41 -5.01
N PRO A 33 -21.69 -10.71 -6.01
CA PRO A 33 -20.70 -11.79 -5.85
C PRO A 33 -19.64 -11.43 -4.81
N VAL A 34 -19.10 -12.46 -4.16
CA VAL A 34 -17.98 -12.27 -3.26
C VAL A 34 -16.70 -12.47 -4.07
N ARG A 35 -15.73 -11.59 -3.86
CA ARG A 35 -14.49 -11.56 -4.61
C ARG A 35 -13.32 -11.78 -3.66
N GLN A 36 -12.32 -12.50 -4.14
CA GLN A 36 -11.01 -12.53 -3.50
C GLN A 36 -10.23 -11.33 -4.01
N TRP A 37 -9.60 -10.59 -3.10
CA TRP A 37 -8.78 -9.48 -3.56
C TRP A 37 -7.48 -9.46 -2.77
N SER A 38 -6.48 -8.84 -3.36
CA SER A 38 -5.13 -8.78 -2.81
C SER A 38 -4.57 -7.40 -3.04
N ILE A 39 -3.77 -6.92 -2.07
CA ILE A 39 -3.04 -5.67 -2.23
C ILE A 39 -1.59 -5.93 -1.84
N GLU A 40 -0.66 -5.42 -2.65
CA GLU A 40 0.77 -5.49 -2.40
C GLU A 40 1.37 -4.11 -2.60
N ILE A 41 2.54 -3.86 -2.01
CA ILE A 41 3.18 -2.55 -2.09
C ILE A 41 4.62 -2.74 -2.54
N VAL A 42 5.03 -2.00 -3.58
CA VAL A 42 6.42 -1.99 -3.99
C VAL A 42 6.91 -0.56 -4.08
N LEU A 43 8.23 -0.42 -4.14
CA LEU A 43 8.89 0.86 -4.29
C LEU A 43 9.38 0.97 -5.73
N LEU A 44 9.34 2.18 -6.27
CA LEU A 44 9.91 2.45 -7.59
C LEU A 44 11.26 3.13 -7.42
N ASP A 45 12.20 2.76 -8.27
CA ASP A 45 13.49 3.44 -8.23
C ASP A 45 13.44 4.66 -9.16
N ASP A 46 14.58 5.33 -9.33
N ASP A 46 14.58 5.33 -9.33
CA ASP A 46 14.62 6.54 -10.15
CA ASP A 46 14.63 6.53 -10.15
C ASP A 46 14.46 6.25 -11.63
C ASP A 46 14.35 6.23 -11.62
N GLU A 47 14.50 4.97 -12.04
CA GLU A 47 14.21 4.57 -13.40
C GLU A 47 12.77 4.09 -13.59
N GLY A 48 12.02 3.94 -12.50
CA GLY A 48 10.67 3.41 -12.57
C GLY A 48 10.56 1.92 -12.43
N LYS A 49 11.65 1.22 -12.11
CA LYS A 49 11.61 -0.22 -11.90
C LYS A 49 11.10 -0.52 -10.50
N GLU A 50 10.32 -1.60 -10.37
CA GLU A 50 9.81 -2.01 -9.06
C GLU A 50 10.90 -2.71 -8.27
N ILE A 51 11.07 -2.33 -7.01
CA ILE A 51 12.01 -2.99 -6.11
C ILE A 51 11.33 -3.18 -4.76
N PRO A 52 11.83 -4.09 -3.94
CA PRO A 52 11.16 -4.33 -2.66
C PRO A 52 11.16 -3.08 -1.79
N ALA A 53 10.03 -2.84 -1.12
CA ALA A 53 9.85 -1.64 -0.31
C ALA A 53 10.43 -1.83 1.08
N THR A 54 11.75 -2.04 1.12
CA THR A 54 12.46 -2.32 2.36
C THR A 54 12.62 -1.08 3.23
N ILE A 55 12.16 0.09 2.79
CA ILE A 55 12.18 1.29 3.62
C ILE A 55 11.08 1.27 4.67
N PHE A 56 10.18 0.29 4.62
CA PHE A 56 9.13 0.15 5.63
C PHE A 56 9.45 -1.07 6.47
N ASP A 57 9.39 -0.95 7.78
CA ASP A 57 9.46 -2.21 8.51
C ASP A 57 8.09 -2.76 8.85
N LYS A 58 7.01 -2.03 8.57
CA LYS A 58 5.66 -2.52 8.84
C LYS A 58 4.66 -1.80 7.95
N VAL A 59 3.63 -2.52 7.51
CA VAL A 59 2.49 -1.94 6.82
C VAL A 59 1.24 -2.41 7.53
N ILE A 60 0.32 -1.51 7.83
CA ILE A 60 -0.97 -1.90 8.40
C ILE A 60 -2.08 -1.47 7.47
N TYR A 61 -2.86 -2.43 6.98
CA TYR A 61 -4.05 -2.12 6.20
C TYR A 61 -5.22 -1.90 7.14
N HIS A 62 -5.87 -0.75 7.02
CA HIS A 62 -6.97 -0.39 7.90
C HIS A 62 -8.25 -0.62 7.10
N LEU A 63 -8.82 -1.80 7.26
CA LEU A 63 -9.93 -2.21 6.40
C LEU A 63 -11.24 -1.60 6.87
N HIS A 64 -12.21 -1.64 5.96
CA HIS A 64 -13.58 -1.26 6.26
C HIS A 64 -14.05 -2.00 7.52
N PRO A 65 -14.86 -1.35 8.37
CA PRO A 65 -15.23 -2.00 9.65
C PRO A 65 -16.10 -3.24 9.50
N THR A 66 -16.55 -3.59 8.28
CA THR A 66 -17.29 -4.84 8.12
C THR A 66 -16.39 -6.07 8.17
N PHE A 67 -15.08 -5.89 8.09
CA PHE A 67 -14.14 -7.01 8.13
C PHE A 67 -13.81 -7.40 9.57
N ALA A 68 -13.62 -8.70 9.78
CA ALA A 68 -13.08 -9.16 11.06
C ALA A 68 -11.61 -8.79 11.18
N ASN A 69 -11.21 -8.36 12.38
CA ASN A 69 -9.86 -7.89 12.65
C ASN A 69 -9.41 -6.90 11.57
N PRO A 70 -10.11 -5.77 11.44
CA PRO A 70 -9.94 -4.93 10.23
C PRO A 70 -8.56 -4.28 10.10
N ASN A 71 -7.69 -4.40 11.08
CA ASN A 71 -6.37 -3.76 11.03
C ASN A 71 -5.33 -4.87 10.93
N ARG A 72 -4.82 -5.07 9.72
CA ARG A 72 -3.95 -6.20 9.42
C ARG A 72 -2.52 -5.73 9.24
N THR A 73 -1.61 -6.32 10.00
CA THR A 73 -0.20 -5.92 10.02
C THR A 73 0.65 -6.90 9.22
N PHE A 74 1.53 -6.37 8.40
CA PHE A 74 2.48 -7.18 7.63
C PHE A 74 3.86 -6.55 7.77
N THR A 75 4.88 -7.39 7.83
CA THR A 75 6.22 -6.89 8.13
C THR A 75 7.25 -7.17 7.05
N ASP A 76 6.91 -7.91 6.02
CA ASP A 76 7.90 -8.28 5.03
C ASP A 76 7.39 -7.89 3.64
N PRO A 77 8.21 -7.19 2.86
CA PRO A 77 7.83 -6.85 1.49
C PRO A 77 7.42 -8.10 0.73
N PRO A 78 6.43 -8.00 -0.17
CA PRO A 78 5.68 -6.79 -0.54
C PRO A 78 4.43 -6.54 0.30
N PHE A 79 4.42 -7.02 1.55
CA PHE A 79 3.33 -6.71 2.48
C PHE A 79 1.97 -7.11 1.91
N ARG A 80 1.89 -8.32 1.37
CA ARG A 80 0.69 -8.73 0.64
C ARG A 80 -0.43 -9.08 1.60
N ILE A 81 -1.60 -8.48 1.36
CA ILE A 81 -2.83 -8.84 2.07
C ILE A 81 -3.77 -9.49 1.07
N GLU A 82 -4.46 -10.54 1.53
CA GLU A 82 -5.49 -11.22 0.76
C GLU A 82 -6.75 -11.28 1.61
N GLU A 83 -7.89 -10.89 1.03
CA GLU A 83 -9.16 -10.92 1.74
C GLU A 83 -10.26 -11.30 0.74
N GLN A 84 -11.50 -11.34 1.23
CA GLN A 84 -12.69 -11.61 0.42
C GLN A 84 -13.79 -10.65 0.81
N GLY A 85 -14.59 -10.22 -0.16
CA GLY A 85 -15.69 -9.34 0.18
C GLY A 85 -16.51 -9.00 -1.05
N TRP A 86 -17.53 -8.18 -0.84
CA TRP A 86 -18.50 -7.92 -1.89
C TRP A 86 -18.55 -6.46 -2.34
N GLY A 87 -17.83 -5.55 -1.70
CA GLY A 87 -17.90 -4.15 -2.05
C GLY A 87 -16.54 -3.47 -1.97
N GLY A 88 -16.33 -2.51 -2.87
CA GLY A 88 -15.13 -1.71 -2.79
C GLY A 88 -15.22 -0.65 -1.71
N PHE A 89 -14.07 -0.11 -1.31
CA PHE A 89 -14.06 0.89 -0.25
C PHE A 89 -12.77 1.68 -0.30
N PRO A 90 -12.77 2.91 0.19
CA PRO A 90 -11.51 3.60 0.44
C PRO A 90 -10.88 3.09 1.72
N LEU A 91 -9.56 3.07 1.73
CA LEU A 91 -8.90 2.67 2.97
C LEU A 91 -7.60 3.43 3.08
N ASP A 92 -7.17 3.63 4.31
CA ASP A 92 -5.83 4.13 4.57
C ASP A 92 -4.92 2.94 4.77
N ILE A 93 -3.76 3.01 4.14
CA ILE A 93 -2.70 2.02 4.35
C ILE A 93 -1.63 2.74 5.14
N SER A 94 -1.39 2.29 6.38
CA SER A 94 -0.33 2.90 7.17
C SER A 94 0.99 2.21 6.85
N VAL A 95 1.98 2.97 6.39
CA VAL A 95 3.32 2.42 6.17
C VAL A 95 4.24 3.05 7.19
N PHE A 96 5.07 2.24 7.83
CA PHE A 96 5.92 2.71 8.92
C PHE A 96 7.35 2.64 8.43
N LEU A 97 7.98 3.81 8.33
CA LEU A 97 9.36 3.88 7.87
C LEU A 97 10.30 3.23 8.87
N LEU A 98 11.44 2.72 8.37
CA LEU A 98 12.47 2.17 9.24
C LEU A 98 12.89 3.15 10.33
N GLU A 99 13.45 2.63 11.43
CA GLU A 99 14.12 3.45 12.46
C GLU A 99 13.17 4.46 13.09
N LYS A 100 11.89 4.07 13.18
CA LYS A 100 10.84 4.90 13.79
C LYS A 100 10.78 6.26 13.11
N ALA A 101 11.09 6.30 11.82
CA ALA A 101 11.16 7.59 11.16
C ALA A 101 9.78 8.19 10.88
N GLY A 102 8.73 7.40 10.88
CA GLY A 102 7.39 7.96 10.83
C GLY A 102 6.39 7.08 10.13
N GLU A 103 5.13 7.21 10.55
CA GLU A 103 4.00 6.62 9.85
C GLU A 103 3.57 7.54 8.72
N ARG A 104 3.25 6.95 7.57
CA ARG A 104 2.61 7.66 6.48
C ARG A 104 1.30 6.96 6.18
N LYS A 105 0.23 7.72 6.06
CA LYS A 105 -1.06 7.16 5.69
C LYS A 105 -1.23 7.35 4.19
N ILE A 106 -1.27 6.25 3.45
CA ILE A 106 -1.38 6.28 2.00
C ILE A 106 -2.82 5.95 1.63
N PRO A 107 -3.54 6.88 0.99
CA PRO A 107 -4.95 6.62 0.66
C PRO A 107 -5.02 5.66 -0.53
N HIS A 108 -5.79 4.62 -0.38
CA HIS A 108 -6.03 3.66 -1.44
C HIS A 108 -7.52 3.52 -1.64
N ASP A 109 -7.91 3.00 -2.79
CA ASP A 109 -9.29 2.61 -3.04
C ASP A 109 -9.29 1.18 -3.55
N LEU A 110 -9.89 0.28 -2.79
CA LEU A 110 -10.03 -1.11 -3.19
C LEU A 110 -11.33 -1.22 -3.98
N ASN A 111 -11.24 -1.58 -5.25
CA ASN A 111 -12.46 -1.62 -6.04
C ASN A 111 -12.35 -2.71 -7.10
N PHE A 112 -13.44 -2.91 -7.81
CA PHE A 112 -13.55 -4.03 -8.73
C PHE A 112 -13.65 -3.57 -10.18
N LEU A 113 -13.18 -2.34 -10.45
CA LEU A 113 -13.32 -1.76 -11.78
C LEU A 113 -12.39 -2.44 -12.80
N GLN A 114 -11.30 -3.02 -12.33
CA GLN A 114 -10.40 -3.82 -13.17
C GLN A 114 -10.02 -5.09 -12.42
N GLU A 115 -9.67 -6.12 -13.19
CA GLU A 115 -9.12 -7.34 -12.59
C GLU A 115 -7.85 -7.06 -11.80
N SER A 116 -7.02 -6.14 -12.30
CA SER A 116 -5.84 -5.69 -11.57
C SER A 116 -5.56 -4.26 -11.97
N TYR A 117 -4.98 -3.51 -11.03
CA TYR A 117 -4.71 -2.11 -11.30
C TYR A 117 -3.65 -1.64 -10.31
N GLU A 118 -2.87 -0.66 -10.75
CA GLU A 118 -1.77 -0.14 -9.95
C GLU A 118 -1.94 1.37 -9.76
N VAL A 119 -1.56 1.87 -8.58
CA VAL A 119 -1.68 3.29 -8.27
C VAL A 119 -0.38 3.74 -7.60
N GLU A 120 0.16 4.85 -8.06
N GLU A 120 0.16 4.86 -8.06
CA GLU A 120 1.40 5.37 -7.50
CA GLU A 120 1.39 5.39 -7.50
C GLU A 120 1.11 6.53 -6.54
C GLU A 120 1.08 6.51 -6.51
N HIS A 121 1.89 6.60 -5.46
CA HIS A 121 1.76 7.64 -4.45
C HIS A 121 3.15 8.11 -4.06
N VAL A 122 3.31 9.41 -3.91
CA VAL A 122 4.59 9.99 -3.51
C VAL A 122 4.55 10.20 -1.99
N ILE A 123 5.61 9.79 -1.31
CA ILE A 123 5.74 10.08 0.11
C ILE A 123 7.07 10.80 0.32
N GLN A 124 7.10 11.63 1.37
CA GLN A 124 8.27 12.38 1.79
C GLN A 124 8.89 11.67 2.98
N ILE A 125 10.20 11.42 2.91
CA ILE A 125 10.90 10.57 3.87
C ILE A 125 12.07 11.35 4.46
N PRO A 126 12.25 11.34 5.77
CA PRO A 126 13.36 12.10 6.35
C PRO A 126 14.70 11.44 6.08
N LEU A 127 15.75 12.24 6.23
CA LEU A 127 17.13 11.86 5.94
C LEU A 127 18.02 11.86 7.19
N ASN A 128 17.42 11.66 8.36
CA ASN A 128 18.17 11.77 9.62
C ASN A 128 18.29 10.45 10.39
N LYS A 129 17.93 9.33 9.77
CA LYS A 129 18.10 8.02 10.39
C LYS A 129 19.08 7.22 9.54
N PRO A 130 20.34 7.07 9.96
CA PRO A 130 21.35 6.45 9.08
C PRO A 130 20.92 5.18 8.36
N LEU A 131 20.29 4.23 9.07
CA LEU A 131 19.91 2.98 8.41
C LEU A 131 18.87 3.21 7.33
N LEU A 132 17.94 4.14 7.58
CA LEU A 132 16.93 4.46 6.57
C LEU A 132 17.58 5.16 5.39
N THR A 133 18.50 6.07 5.66
CA THR A 133 19.18 6.75 4.55
C THR A 133 19.93 5.78 3.67
N GLU A 134 20.65 4.84 4.29
CA GLU A 134 21.37 3.83 3.52
C GLU A 134 20.40 3.01 2.70
N GLU A 135 19.25 2.65 3.27
CA GLU A 135 18.27 1.89 2.50
C GLU A 135 17.72 2.71 1.34
N LEU A 136 17.48 4.01 1.56
CA LEU A 136 16.95 4.87 0.51
C LEU A 136 17.87 4.92 -0.70
N ALA A 137 19.19 4.79 -0.49
CA ALA A 137 20.11 4.86 -1.63
C ALA A 137 19.80 3.79 -2.68
N LYS A 138 19.17 2.68 -2.29
CA LYS A 138 18.86 1.62 -3.26
C LYS A 138 17.84 2.06 -4.30
N SER A 139 17.01 3.05 -4.00
CA SER A 139 15.93 3.42 -4.91
C SER A 139 16.14 4.78 -5.55
N GLY A 140 17.25 5.45 -5.31
CA GLY A 140 17.52 6.68 -6.02
C GLY A 140 18.43 7.59 -5.22
N SER A 141 18.53 8.82 -5.71
CA SER A 141 19.40 9.80 -5.07
C SER A 141 18.86 10.15 -3.68
N THR A 142 19.77 10.54 -2.80
CA THR A 142 19.39 10.96 -1.46
C THR A 142 20.03 12.31 -1.15
C ACE B 1 -19.53 -5.02 -10.11
O ACE B 1 -19.07 -4.82 -8.98
CH3 ACE B 1 -20.86 -5.66 -10.35
N GLN B 2 -18.88 -4.63 -11.19
CA GLN B 2 -17.55 -4.03 -11.01
C GLN B 2 -17.56 -2.66 -10.30
N THR B 3 -18.72 -2.00 -10.24
CA THR B 3 -18.85 -0.74 -9.52
C THR B 3 -19.37 -0.92 -8.10
N ALA B 4 -19.47 -2.15 -7.60
CA ALA B 4 -19.99 -2.38 -6.27
C ALA B 4 -19.15 -1.69 -5.20
N ARG B 5 -19.81 -0.99 -4.29
CA ARG B 5 -19.16 -0.31 -3.16
C ARG B 5 -19.85 -0.65 -1.85
C BTK B 6 -20.68 0.26 0.95
N BTK B 6 -19.10 -0.59 -0.76
O BTK B 6 -21.13 1.18 0.26
CA BTK B 6 -19.66 -0.80 0.56
CB BTK B 6 -18.59 -0.84 1.65
CD BTK B 6 -17.93 -3.16 2.30
CE BTK B 6 -16.71 -4.06 2.40
CG BTK B 6 -17.61 -1.98 1.41
NZ BTK B 6 -16.88 -5.31 3.10
CAA BTK B 6 -16.61 -8.94 5.39
OAD BTK B 6 -16.65 -6.57 1.20
CAF BTK B 6 -16.74 -7.61 4.70
CAJ BTK B 6 -17.01 -7.80 3.23
CAN BTK B 6 -16.82 -6.53 2.42
#